data_7MFW
#
_entry.id   7MFW
#
_cell.length_a   114.563
_cell.length_b   114.563
_cell.length_c   31.637
_cell.angle_alpha   90.000
_cell.angle_beta   90.000
_cell.angle_gamma   120.000
#
_symmetry.space_group_name_H-M   'P 6'
#
loop_
_entity.id
_entity.type
_entity.pdbx_description
1 polymer Canoe,Echinoid
2 water water
#
_entity_poly.entity_id   1
_entity_poly.type   'polypeptide(L)'
_entity_poly.pdbx_seq_one_letter_code
;GSHMPQPELQLIKLHKNSNGMGLSIVAAKGAGQEKLGIYIKSVVPGGAADADGRLQAGDQLLRVDGQSLIGITQERAADY
LVRTGPVVSLEVAKQGAIIREIIV
;
_entity_poly.pdbx_strand_id   A,B
#
# COMPACT_ATOMS: atom_id res chain seq x y z
N GLN A 10 -9.72 -8.71 14.55
CA GLN A 10 -10.46 -9.95 14.34
C GLN A 10 -9.52 -11.10 13.98
N LEU A 11 -9.73 -12.25 14.61
CA LEU A 11 -8.90 -13.43 14.36
C LEU A 11 -9.46 -14.26 13.21
N ILE A 12 -8.56 -14.82 12.41
CA ILE A 12 -8.96 -15.63 11.26
C ILE A 12 -8.08 -16.88 11.14
N LYS A 13 -8.70 -18.06 11.22
CA LYS A 13 -7.97 -19.30 11.05
C LYS A 13 -8.12 -19.84 9.64
N LEU A 14 -6.99 -20.14 9.00
CA LEU A 14 -7.00 -20.66 7.65
C LEU A 14 -6.44 -22.07 7.59
N HIS A 15 -7.11 -22.95 6.84
CA HIS A 15 -6.63 -24.30 6.60
C HIS A 15 -5.84 -24.34 5.30
N LYS A 16 -4.52 -24.34 5.41
CA LYS A 16 -3.64 -24.34 4.24
C LYS A 16 -3.81 -25.59 3.38
N ASN A 17 -3.64 -25.45 2.08
CA ASN A 17 -3.44 -26.60 1.20
C ASN A 17 -2.01 -26.59 0.68
N SER A 18 -1.73 -27.32 -0.40
CA SER A 18 -0.38 -27.38 -0.94
C SER A 18 0.12 -26.02 -1.42
N ASN A 19 -0.79 -25.13 -1.81
CA ASN A 19 -0.43 -23.79 -2.22
C ASN A 19 -0.40 -22.80 -1.05
N GLY A 20 -0.61 -23.33 0.16
CA GLY A 20 -0.51 -22.54 1.37
C GLY A 20 -1.78 -21.78 1.72
N MET A 21 -1.59 -20.59 2.32
CA MET A 21 -2.72 -19.74 2.70
C MET A 21 -3.43 -19.21 1.46
N GLY A 22 -2.67 -18.95 0.40
CA GLY A 22 -3.20 -18.33 -0.80
C GLY A 22 -3.26 -16.83 -0.66
N LEU A 23 -2.15 -16.25 -0.19
CA LEU A 23 -2.05 -14.80 0.00
C LEU A 23 -0.79 -14.25 -0.64
N SER A 24 -0.95 -13.20 -1.44
CA SER A 24 0.20 -12.44 -1.95
C SER A 24 0.37 -11.24 -1.02
N ILE A 25 1.57 -11.08 -0.46
CA ILE A 25 1.78 -10.05 0.55
C ILE A 25 2.81 -9.00 0.17
N VAL A 26 2.72 -7.84 0.81
CA VAL A 26 3.63 -6.73 0.57
C VAL A 26 3.88 -6.01 1.89
N ALA A 27 5.13 -5.60 2.11
CA ALA A 27 5.47 -4.81 3.28
C ALA A 27 5.30 -3.33 2.94
N ALA A 28 4.60 -2.60 3.80
CA ALA A 28 4.36 -1.18 3.55
C ALA A 28 4.10 -0.43 4.85
N LYS A 29 4.06 0.89 4.76
CA LYS A 29 3.66 1.72 5.88
C LYS A 29 2.32 2.39 5.53
N GLY A 30 1.23 1.74 5.94
CA GLY A 30 -0.09 2.25 5.66
C GLY A 30 -0.31 3.65 6.20
N ALA A 31 -1.31 4.33 5.66
CA ALA A 31 -1.62 5.70 6.07
C ALA A 31 -1.79 5.83 7.57
N GLY A 32 -0.98 6.69 8.18
CA GLY A 32 -1.07 6.95 9.61
C GLY A 32 -0.14 6.10 10.46
N GLN A 33 0.58 5.18 9.83
CA GLN A 33 1.47 4.28 10.56
C GLN A 33 2.94 4.55 10.24
N GLU A 34 3.75 4.64 11.29
CA GLU A 34 5.19 4.85 11.12
C GLU A 34 5.91 3.52 10.98
N LYS A 35 5.31 2.48 11.55
CA LYS A 35 5.91 1.15 11.55
C LYS A 35 5.64 0.41 10.25
N LEU A 36 6.63 -0.37 9.80
CA LEU A 36 6.44 -1.25 8.65
C LEU A 36 5.38 -2.27 9.03
N GLY A 37 4.46 -2.54 8.10
CA GLY A 37 3.44 -3.53 8.32
C GLY A 37 3.36 -4.51 7.16
N ILE A 38 2.68 -5.63 7.37
CA ILE A 38 2.48 -6.60 6.31
C ILE A 38 1.04 -6.54 5.81
N TYR A 39 0.87 -6.31 4.51
CA TYR A 39 -0.45 -6.14 3.93
C TYR A 39 -0.74 -7.17 2.85
N ILE A 40 -2.01 -7.50 2.70
CA ILE A 40 -2.46 -8.38 1.63
C ILE A 40 -2.51 -7.61 0.33
N LYS A 41 -1.64 -7.96 -0.62
CA LYS A 41 -1.65 -7.36 -1.94
C LYS A 41 -2.81 -7.94 -2.73
N SER A 42 -2.92 -9.27 -2.70
CA SER A 42 -4.01 -9.95 -3.38
C SER A 42 -4.30 -11.29 -2.73
N VAL A 43 -5.54 -11.74 -2.85
CA VAL A 43 -5.94 -13.05 -2.38
C VAL A 43 -5.96 -14.01 -3.57
N VAL A 44 -5.11 -15.03 -3.52
CA VAL A 44 -4.99 -15.97 -4.64
C VAL A 44 -6.30 -16.72 -4.90
N PRO A 45 -6.84 -16.58 -6.13
CA PRO A 45 -8.09 -17.26 -6.52
C PRO A 45 -7.99 -18.78 -6.43
N GLY A 46 -9.01 -19.40 -5.82
CA GLY A 46 -9.04 -20.83 -5.66
C GLY A 46 -8.43 -21.30 -4.35
N GLY A 47 -7.69 -20.41 -3.69
CA GLY A 47 -6.96 -20.77 -2.49
C GLY A 47 -7.77 -20.77 -1.20
N ALA A 48 -7.11 -21.11 -0.09
CA ALA A 48 -7.75 -21.23 1.20
C ALA A 48 -8.34 -19.91 1.70
N ALA A 49 -7.56 -18.84 1.59
CA ALA A 49 -8.01 -17.52 2.02
C ALA A 49 -9.21 -17.05 1.21
N ASP A 50 -9.16 -17.32 -0.09
CA ASP A 50 -10.25 -16.97 -1.00
C ASP A 50 -11.53 -17.69 -0.61
N ALA A 51 -11.41 -19.00 -0.37
CA ALA A 51 -12.56 -19.82 -0.01
C ALA A 51 -13.16 -19.38 1.31
N ASP A 52 -12.31 -19.04 2.27
CA ASP A 52 -12.76 -18.54 3.57
C ASP A 52 -13.53 -17.23 3.39
N GLY A 53 -13.02 -16.36 2.53
CA GLY A 53 -13.75 -15.19 2.10
C GLY A 53 -13.63 -13.94 2.95
N ARG A 54 -13.08 -14.07 4.15
CA ARG A 54 -13.00 -12.94 5.07
C ARG A 54 -11.89 -11.94 4.75
N LEU A 55 -10.75 -12.45 4.29
CA LEU A 55 -9.61 -11.60 3.96
C LEU A 55 -9.74 -10.96 2.57
N GLN A 56 -9.29 -9.72 2.46
CA GLN A 56 -9.29 -9.02 1.18
C GLN A 56 -8.06 -8.14 1.05
N ALA A 57 -7.75 -7.74 -0.18
CA ALA A 57 -6.61 -6.88 -0.46
C ALA A 57 -6.70 -5.59 0.36
N GLY A 58 -5.57 -5.18 0.94
CA GLY A 58 -5.54 -3.98 1.75
C GLY A 58 -5.53 -4.27 3.24
N ASP A 59 -6.06 -5.43 3.64
CA ASP A 59 -6.06 -5.76 5.06
C ASP A 59 -4.64 -6.01 5.56
N GLN A 60 -4.44 -5.67 6.84
CA GLN A 60 -3.13 -5.79 7.45
C GLN A 60 -3.05 -7.02 8.34
N LEU A 61 -2.00 -7.82 8.17
CA LEU A 61 -1.76 -8.97 9.03
C LEU A 61 -0.92 -8.52 10.22
N LEU A 62 -1.54 -8.45 11.39
CA LEU A 62 -0.88 -7.96 12.60
C LEU A 62 -0.04 -9.05 13.26
N ARG A 63 -0.64 -10.25 13.38
CA ARG A 63 0.02 -11.36 14.03
C ARG A 63 -0.25 -12.66 13.29
N VAL A 64 0.73 -13.56 13.32
CA VAL A 64 0.55 -14.92 12.81
C VAL A 64 1.00 -15.90 13.91
N ASP A 65 0.06 -16.67 14.42
CA ASP A 65 0.31 -17.57 15.54
C ASP A 65 0.93 -16.84 16.73
N GLY A 66 0.37 -15.68 17.06
CA GLY A 66 0.80 -14.91 18.22
C GLY A 66 2.02 -14.03 18.03
N GLN A 67 2.73 -14.22 16.93
CA GLN A 67 3.94 -13.45 16.66
C GLN A 67 3.65 -12.16 15.90
N SER A 68 4.16 -11.04 16.42
CA SER A 68 3.91 -9.73 15.84
C SER A 68 4.55 -9.58 14.46
N LEU A 69 3.81 -8.97 13.53
CA LEU A 69 4.30 -8.71 12.19
C LEU A 69 4.42 -7.20 11.97
N ILE A 70 4.57 -6.46 13.06
CA ILE A 70 4.64 -4.99 13.00
C ILE A 70 6.04 -4.50 13.41
N GLY A 71 6.61 -3.61 12.59
CA GLY A 71 7.88 -2.98 12.91
C GLY A 71 9.08 -3.89 12.73
N ILE A 72 8.90 -4.96 11.97
CA ILE A 72 10.01 -5.86 11.66
C ILE A 72 10.30 -5.86 10.16
N THR A 73 11.51 -6.27 9.80
CA THR A 73 11.95 -6.30 8.41
C THR A 73 11.09 -7.24 7.58
N GLN A 74 11.03 -6.99 6.27
CA GLN A 74 10.25 -7.80 5.35
C GLN A 74 10.64 -9.28 5.40
N GLU A 75 11.94 -9.55 5.45
CA GLU A 75 12.44 -10.91 5.42
C GLU A 75 12.03 -11.72 6.66
N ARG A 76 11.97 -11.07 7.81
CA ARG A 76 11.59 -11.74 9.05
C ARG A 76 10.10 -12.02 9.08
N ALA A 77 9.31 -11.06 8.60
CA ALA A 77 7.86 -11.21 8.55
C ALA A 77 7.47 -12.34 7.60
N ALA A 78 8.07 -12.36 6.42
CA ALA A 78 7.79 -13.39 5.43
C ALA A 78 8.18 -14.77 5.95
N ASP A 79 9.26 -14.84 6.72
CA ASP A 79 9.72 -16.10 7.29
C ASP A 79 8.71 -16.65 8.30
N TYR A 80 8.15 -15.77 9.12
CA TYR A 80 7.18 -16.18 10.13
C TYR A 80 5.92 -16.74 9.47
N LEU A 81 5.59 -16.19 8.30
CA LEU A 81 4.38 -16.57 7.59
C LEU A 81 4.52 -17.91 6.85
N VAL A 82 5.72 -18.19 6.33
CA VAL A 82 5.95 -19.45 5.63
C VAL A 82 6.19 -20.62 6.59
N ARG A 83 6.68 -20.31 7.79
CA ARG A 83 6.97 -21.34 8.77
C ARG A 83 5.80 -21.59 9.71
N THR A 84 4.63 -21.83 9.15
CA THR A 84 3.41 -22.12 9.90
C THR A 84 2.94 -23.54 9.66
N GLY A 85 2.00 -24.01 10.47
CA GLY A 85 1.41 -25.32 10.29
C GLY A 85 0.21 -25.29 9.35
N PRO A 86 -0.42 -26.45 9.13
CA PRO A 86 -1.59 -26.60 8.26
C PRO A 86 -2.76 -25.68 8.64
N VAL A 87 -2.93 -25.43 9.94
CA VAL A 87 -3.92 -24.46 10.41
C VAL A 87 -3.22 -23.24 11.02
N VAL A 88 -3.43 -22.07 10.42
CA VAL A 88 -2.74 -20.86 10.84
C VAL A 88 -3.72 -19.82 11.40
N SER A 89 -3.36 -19.24 12.54
CA SER A 89 -4.20 -18.23 13.17
C SER A 89 -3.65 -16.84 12.89
N LEU A 90 -4.45 -16.02 12.22
CA LEU A 90 -4.04 -14.67 11.87
C LEU A 90 -4.89 -13.65 12.61
N GLU A 91 -4.17 -12.65 13.16
CA GLU A 91 -4.73 -11.44 13.69
C GLU A 91 -4.63 -10.35 12.62
N VAL A 92 -5.80 -9.91 12.17
CA VAL A 92 -6.00 -8.99 11.07
C VAL A 92 -6.50 -7.62 11.54
N ALA A 93 -6.08 -6.58 10.83
CA ALA A 93 -6.73 -5.27 10.94
C ALA A 93 -7.51 -5.04 9.65
N LYS A 94 -8.84 -5.01 9.76
CA LYS A 94 -9.66 -4.76 8.58
C LYS A 94 -9.61 -3.29 8.17
N GLN A 95 -8.87 -3.01 7.11
CA GLN A 95 -8.80 -1.66 6.57
C GLN A 95 -9.52 -1.64 5.22
N ILE A 98 -16.40 -0.76 3.71
CA ILE A 98 -17.24 -1.67 4.50
C ILE A 98 -18.08 -2.62 3.64
N ILE A 99 -18.61 -2.13 2.54
CA ILE A 99 -19.46 -2.95 1.68
C ILE A 99 -18.64 -3.85 0.75
N ARG A 100 -18.77 -5.17 0.94
CA ARG A 100 -18.00 -6.16 0.20
C ARG A 100 -18.54 -6.39 -1.22
N GLU A 101 -19.83 -6.13 -1.40
CA GLU A 101 -20.49 -6.36 -2.68
C GLU A 101 -21.79 -5.56 -2.75
N ILE A 102 -22.35 -5.42 -3.94
CA ILE A 102 -23.59 -4.67 -4.15
C ILE A 102 -24.51 -5.39 -5.16
N ILE A 103 -25.78 -5.56 -4.80
CA ILE A 103 -26.76 -6.21 -5.66
C ILE A 103 -27.41 -5.18 -6.59
N VAL A 104 -27.36 -5.44 -7.90
CA VAL A 104 -27.96 -4.56 -8.88
C VAL A 104 -28.89 -5.35 -9.80
N PRO B 7 15.25 7.47 -12.78
CA PRO B 7 13.78 7.35 -12.75
C PRO B 7 13.06 7.81 -14.03
N GLU B 8 12.01 7.08 -14.41
CA GLU B 8 11.18 7.40 -15.56
C GLU B 8 10.10 8.40 -15.15
N LEU B 9 9.87 9.40 -15.99
CA LEU B 9 8.81 10.38 -15.74
C LEU B 9 7.50 9.92 -16.34
N GLN B 10 6.39 10.27 -15.69
CA GLN B 10 5.07 9.98 -16.21
C GLN B 10 4.12 11.13 -15.89
N LEU B 11 3.26 11.47 -16.84
CA LEU B 11 2.22 12.44 -16.58
C LEU B 11 0.96 11.69 -16.16
N ILE B 12 0.41 12.06 -15.00
CA ILE B 12 -0.77 11.38 -14.48
C ILE B 12 -1.89 12.38 -14.16
N LYS B 13 -3.01 12.23 -14.86
CA LYS B 13 -4.22 12.98 -14.53
C LYS B 13 -5.07 12.15 -13.58
N LEU B 14 -5.00 12.47 -12.29
CA LEU B 14 -5.72 11.70 -11.29
C LEU B 14 -7.10 12.27 -10.99
N HIS B 15 -8.13 11.44 -11.13
CA HIS B 15 -9.48 11.84 -10.78
C HIS B 15 -9.77 11.52 -9.32
N LYS B 16 -10.00 12.54 -8.51
CA LYS B 16 -10.23 12.36 -7.08
C LYS B 16 -11.65 11.85 -6.83
N ASN B 17 -11.90 11.48 -5.58
CA ASN B 17 -13.27 11.23 -5.13
C ASN B 17 -13.56 11.98 -3.82
N SER B 18 -14.57 11.53 -3.09
CA SER B 18 -14.98 12.19 -1.86
C SER B 18 -13.94 12.13 -0.74
N ASN B 19 -13.01 11.19 -0.82
CA ASN B 19 -11.95 11.06 0.17
C ASN B 19 -10.61 11.63 -0.31
N GLY B 20 -10.64 12.44 -1.36
CA GLY B 20 -9.44 13.05 -1.89
C GLY B 20 -8.69 12.15 -2.86
N MET B 21 -7.38 12.30 -2.91
CA MET B 21 -6.54 11.53 -3.83
C MET B 21 -6.31 10.10 -3.32
N GLY B 22 -6.53 9.90 -2.03
CA GLY B 22 -6.26 8.60 -1.43
C GLY B 22 -4.78 8.35 -1.34
N LEU B 23 -4.03 9.38 -0.95
CA LEU B 23 -2.58 9.30 -0.86
C LEU B 23 -2.07 9.79 0.49
N SER B 24 -1.10 9.05 1.05
CA SER B 24 -0.31 9.56 2.17
C SER B 24 1.04 9.97 1.61
N ILE B 25 1.41 11.23 1.79
CA ILE B 25 2.68 11.73 1.26
C ILE B 25 3.64 12.12 2.38
N VAL B 26 4.91 12.22 2.02
CA VAL B 26 5.97 12.54 2.97
C VAL B 26 7.09 13.26 2.21
N ALA B 27 7.74 14.22 2.87
CA ALA B 27 8.90 14.86 2.29
C ALA B 27 10.15 14.06 2.67
N ALA B 28 10.92 13.67 1.66
CA ALA B 28 12.15 12.92 1.90
C ALA B 28 13.13 13.16 0.76
N LYS B 29 14.38 12.80 0.98
CA LYS B 29 15.37 12.88 -0.07
C LYS B 29 15.64 11.48 -0.62
N GLY B 30 15.46 11.30 -1.92
CA GLY B 30 15.81 10.05 -2.55
C GLY B 30 17.30 9.83 -2.43
N ALA B 31 17.72 8.57 -2.49
CA ALA B 31 19.13 8.23 -2.38
C ALA B 31 19.93 8.97 -3.45
N GLY B 32 20.90 9.76 -3.02
CA GLY B 32 21.72 10.52 -3.95
C GLY B 32 21.24 11.95 -4.11
N GLN B 33 19.95 12.11 -4.44
CA GLN B 33 19.38 13.44 -4.66
C GLN B 33 19.54 14.33 -3.43
N GLU B 34 20.03 15.54 -3.65
CA GLU B 34 20.29 16.48 -2.57
C GLU B 34 19.03 17.23 -2.19
N LYS B 35 18.14 17.39 -3.16
CA LYS B 35 16.92 18.17 -2.95
C LYS B 35 15.82 17.35 -2.29
N LEU B 36 15.07 18.00 -1.42
CA LEU B 36 13.90 17.40 -0.81
C LEU B 36 12.90 17.08 -1.91
N GLY B 37 12.18 15.98 -1.76
CA GLY B 37 11.15 15.60 -2.71
C GLY B 37 9.88 15.21 -1.99
N ILE B 38 8.76 15.26 -2.70
CA ILE B 38 7.51 14.79 -2.13
C ILE B 38 7.25 13.36 -2.60
N TYR B 39 7.23 12.43 -1.65
CA TYR B 39 7.11 11.02 -1.98
C TYR B 39 5.80 10.42 -1.48
N ILE B 40 5.29 9.45 -2.24
CA ILE B 40 4.11 8.70 -1.81
C ILE B 40 4.52 7.67 -0.77
N LYS B 41 4.07 7.87 0.46
CA LYS B 41 4.34 6.94 1.54
C LYS B 41 3.41 5.73 1.43
N SER B 42 2.15 6.00 1.11
CA SER B 42 1.16 4.95 1.04
C SER B 42 0.02 5.29 0.08
N VAL B 43 -0.49 4.27 -0.60
CA VAL B 43 -1.70 4.40 -1.41
C VAL B 43 -2.84 3.77 -0.63
N VAL B 44 -3.85 4.57 -0.31
CA VAL B 44 -5.00 4.11 0.47
C VAL B 44 -5.84 3.13 -0.33
N PRO B 45 -6.08 1.93 0.22
CA PRO B 45 -6.91 0.92 -0.46
C PRO B 45 -8.34 1.40 -0.67
N GLY B 46 -8.85 1.22 -1.88
CA GLY B 46 -10.21 1.65 -2.20
C GLY B 46 -10.32 3.12 -2.54
N GLY B 47 -9.18 3.81 -2.50
CA GLY B 47 -9.15 5.24 -2.79
C GLY B 47 -8.96 5.54 -4.26
N ALA B 48 -8.95 6.83 -4.60
CA ALA B 48 -8.90 7.28 -5.99
C ALA B 48 -7.63 6.83 -6.72
N ALA B 49 -6.48 6.98 -6.07
CA ALA B 49 -5.20 6.59 -6.66
C ALA B 49 -5.09 5.08 -6.76
N ASP B 50 -5.64 4.39 -5.76
CA ASP B 50 -5.66 2.93 -5.74
C ASP B 50 -6.45 2.42 -6.94
N ALA B 51 -7.60 3.03 -7.18
CA ALA B 51 -8.48 2.65 -8.29
C ALA B 51 -7.84 2.97 -9.63
N ASP B 52 -7.08 4.07 -9.68
CA ASP B 52 -6.37 4.45 -10.88
C ASP B 52 -5.27 3.44 -11.20
N GLY B 53 -4.54 3.01 -10.17
CA GLY B 53 -3.59 1.92 -10.31
C GLY B 53 -2.18 2.29 -10.73
N ARG B 54 -1.98 3.52 -11.17
CA ARG B 54 -0.68 3.94 -11.70
C ARG B 54 0.30 4.41 -10.63
N LEU B 55 -0.21 5.09 -9.61
CA LEU B 55 0.63 5.59 -8.52
C LEU B 55 0.95 4.50 -7.50
N GLN B 56 2.21 4.47 -7.04
CA GLN B 56 2.64 3.48 -6.06
C GLN B 56 3.55 4.12 -5.02
N ALA B 57 3.62 3.52 -3.84
CA ALA B 57 4.53 3.96 -2.78
C ALA B 57 5.95 4.06 -3.32
N GLY B 58 6.61 5.18 -3.04
CA GLY B 58 7.97 5.37 -3.50
C GLY B 58 8.07 6.28 -4.72
N ASP B 59 6.95 6.45 -5.43
CA ASP B 59 6.91 7.38 -6.55
C ASP B 59 7.07 8.81 -6.01
N GLN B 60 7.76 9.65 -6.76
CA GLN B 60 7.93 11.04 -6.34
C GLN B 60 7.00 11.96 -7.11
N LEU B 61 6.25 12.78 -6.39
CA LEU B 61 5.41 13.79 -6.99
C LEU B 61 6.25 15.03 -7.27
N LEU B 62 6.49 15.31 -8.54
CA LEU B 62 7.37 16.41 -8.92
C LEU B 62 6.61 17.71 -9.11
N ARG B 63 5.35 17.59 -9.52
CA ARG B 63 4.58 18.74 -9.96
C ARG B 63 3.09 18.47 -9.87
N VAL B 64 2.33 19.51 -9.51
CA VAL B 64 0.88 19.38 -9.45
C VAL B 64 0.20 20.63 -10.03
N ASP B 65 -0.55 20.43 -11.12
CA ASP B 65 -1.24 21.52 -11.81
C ASP B 65 -0.32 22.70 -12.14
N GLY B 66 0.90 22.38 -12.58
CA GLY B 66 1.83 23.41 -12.99
C GLY B 66 2.72 23.94 -11.88
N GLN B 67 2.44 23.53 -10.65
CA GLN B 67 3.22 23.98 -9.50
C GLN B 67 4.27 22.95 -9.11
N SER B 68 5.52 23.39 -9.02
CA SER B 68 6.63 22.50 -8.68
C SER B 68 6.53 22.01 -7.23
N LEU B 69 6.94 20.77 -7.01
CA LEU B 69 6.96 20.19 -5.68
C LEU B 69 8.39 19.76 -5.30
N ILE B 70 9.37 20.25 -6.06
CA ILE B 70 10.76 19.87 -5.85
C ILE B 70 11.53 20.88 -5.00
N GLY B 71 12.23 20.39 -3.98
CA GLY B 71 13.10 21.22 -3.16
C GLY B 71 12.35 22.12 -2.21
N ILE B 72 11.08 21.80 -1.96
CA ILE B 72 10.27 22.59 -1.05
C ILE B 72 9.92 21.82 0.22
N THR B 73 9.59 22.57 1.28
CA THR B 73 9.18 22.00 2.55
C THR B 73 7.89 21.18 2.39
N GLN B 74 7.66 20.29 3.34
CA GLN B 74 6.52 19.38 3.27
C GLN B 74 5.18 20.07 3.45
N GLU B 75 5.18 21.17 4.22
CA GLU B 75 3.95 21.88 4.52
C GLU B 75 3.38 22.62 3.30
N ARG B 76 4.28 23.21 2.51
CA ARG B 76 3.87 23.92 1.30
C ARG B 76 3.25 22.96 0.29
N ALA B 77 3.85 21.79 0.15
CA ALA B 77 3.37 20.76 -0.76
C ALA B 77 1.92 20.36 -0.47
N ALA B 78 1.61 20.13 0.80
CA ALA B 78 0.26 19.76 1.20
C ALA B 78 -0.73 20.90 0.96
N ASP B 79 -0.29 22.13 1.16
CA ASP B 79 -1.12 23.30 0.90
C ASP B 79 -1.59 23.34 -0.56
N TYR B 80 -0.66 23.08 -1.47
CA TYR B 80 -0.97 23.04 -2.90
C TYR B 80 -1.91 21.89 -3.23
N LEU B 81 -1.56 20.71 -2.74
CA LEU B 81 -2.26 19.48 -3.10
C LEU B 81 -3.72 19.42 -2.65
N VAL B 82 -4.03 19.98 -1.49
CA VAL B 82 -5.41 19.98 -0.98
C VAL B 82 -6.28 21.05 -1.62
N ARG B 83 -5.64 21.99 -2.33
CA ARG B 83 -6.36 23.07 -3.00
C ARG B 83 -6.55 22.78 -4.49
N THR B 84 -6.43 21.51 -4.86
CA THR B 84 -6.60 21.08 -6.24
C THR B 84 -8.07 20.89 -6.60
N GLY B 85 -8.34 20.79 -7.89
CA GLY B 85 -9.68 20.51 -8.38
C GLY B 85 -9.93 19.00 -8.39
N PRO B 86 -11.01 18.58 -9.05
CA PRO B 86 -11.44 17.18 -9.13
C PRO B 86 -10.44 16.34 -9.92
N VAL B 87 -9.83 16.94 -10.94
CA VAL B 87 -8.82 16.26 -11.74
C VAL B 87 -7.44 16.87 -11.46
N VAL B 88 -6.54 16.04 -10.94
CA VAL B 88 -5.20 16.51 -10.55
C VAL B 88 -4.16 16.14 -11.61
N SER B 89 -3.52 17.15 -12.19
CA SER B 89 -2.48 16.91 -13.17
C SER B 89 -1.12 16.78 -12.48
N LEU B 90 -0.64 15.54 -12.40
CA LEU B 90 0.61 15.25 -11.72
C LEU B 90 1.71 14.91 -12.71
N GLU B 91 2.93 15.31 -12.37
CA GLU B 91 4.12 14.84 -13.04
C GLU B 91 4.89 14.01 -12.03
N VAL B 92 5.08 12.73 -12.32
CA VAL B 92 5.64 11.82 -11.34
C VAL B 92 6.93 11.14 -11.80
N ALA B 93 7.82 10.87 -10.85
CA ALA B 93 9.01 10.08 -11.11
C ALA B 93 8.77 8.67 -10.57
N LYS B 94 8.69 7.69 -11.48
CA LYS B 94 8.35 6.33 -11.08
C LYS B 94 9.50 5.65 -10.35
N GLN B 95 9.19 5.04 -9.20
CA GLN B 95 10.21 4.37 -8.40
C GLN B 95 10.85 3.24 -9.20
N GLY B 96 12.14 3.01 -8.96
CA GLY B 96 12.91 2.08 -9.77
C GLY B 96 12.90 0.63 -9.33
N ALA B 97 12.69 0.38 -8.04
CA ALA B 97 12.75 -0.99 -7.51
C ALA B 97 11.73 -1.91 -8.15
N ILE B 98 12.11 -3.18 -8.32
CA ILE B 98 11.21 -4.21 -8.82
C ILE B 98 10.67 -4.99 -7.64
N ILE B 99 9.42 -4.71 -7.26
CA ILE B 99 8.81 -5.33 -6.08
C ILE B 99 8.50 -6.81 -6.32
N ARG B 100 9.21 -7.67 -5.59
CA ARG B 100 9.08 -9.11 -5.74
C ARG B 100 7.78 -9.65 -5.17
N GLU B 101 7.16 -10.57 -5.90
CA GLU B 101 5.93 -11.23 -5.46
C GLU B 101 6.22 -12.21 -4.33
N ILE B 102 5.62 -11.97 -3.17
CA ILE B 102 5.76 -12.87 -2.02
C ILE B 102 4.45 -13.63 -1.77
N ILE B 103 4.48 -14.93 -1.98
CA ILE B 103 3.30 -15.78 -1.83
C ILE B 103 3.43 -16.68 -0.61
N VAL B 104 2.39 -16.69 0.23
CA VAL B 104 2.36 -17.55 1.42
C VAL B 104 1.03 -18.30 1.51
#